data_9IVV
#
_entry.id   9IVV
#
_cell.length_a   274.600
_cell.length_b   274.600
_cell.length_c   274.600
_cell.angle_alpha   90.00
_cell.angle_beta   90.00
_cell.angle_gamma   90.00
#
_symmetry.space_group_name_H-M   'F 41 3 2'
#
loop_
_entity.id
_entity.type
_entity.pdbx_description
1 polymer 'Glutaminyl-peptide cyclotransferase'
2 non-polymer 'ZINC ION'
3 non-polymer 4-azanyl-~{N}-[2-(1~{H}-imidazol-4-yl)ethyl]-2-oxidanidyl-1,2,5-oxadiazol-2-ium-3-carboxamide
4 non-polymer 'DIMETHYL SULFOXIDE'
5 non-polymer GLYCEROL
6 non-polymer DIMETHYLFORMAMIDE
7 water water
#
_entity_poly.entity_id   1
_entity_poly.type   'polypeptide(L)'
_entity_poly.pdbx_seq_one_letter_code
;ASAWPEEKNYHQPAILNSSALRQIAEGTSISEMWQNDLQPLLIERYPGSPGSYAARQHIMQRIQRLQADWVLEIDTFLSQ
TPYGYRSFSNIISTLNPTAKRHLVLACHYDSKYFSHWNNRVFVGATDSAVPCAMMLELARALDKKLLSLKTVSDSKPDLS
LQLIFFDGEEAFLHWSPQDSLYGSRHLAAKMASTPHPPGARGTSQLHGMDLLVLLDLIGAPNPTFPNFFPNSARWFERLQ
AIEHELHELGLLKDHSLEGRYFQNYSYGGVIQDDHIPFLRRGVPVLHLIPSPFPEVWHTMDDNEENLDESTIDNLNKILQ
VFVLEYLHL
;
_entity_poly.pdbx_strand_id   A
#
loop_
_chem_comp.id
_chem_comp.type
_chem_comp.name
_chem_comp.formula
A1D94 non-polymer 4-azanyl-~{N}-[2-(1~{H}-imidazol-4-yl)ethyl]-2-oxidanidyl-1,2,5-oxadiazol-2-ium-3-carboxamide 'C8 H10 N6 O3'
DMF non-polymer DIMETHYLFORMAMIDE 'C3 H7 N O'
DMS non-polymer 'DIMETHYL SULFOXIDE' 'C2 H6 O S'
GOL non-polymer GLYCEROL 'C3 H8 O3'
ZN non-polymer 'ZINC ION' 'Zn 2'
#
# COMPACT_ATOMS: atom_id res chain seq x y z
N ALA A 1 -30.77 -5.90 6.70
CA ALA A 1 -29.36 -6.18 6.45
C ALA A 1 -28.63 -6.46 7.75
N SER A 2 -27.34 -6.76 7.66
CA SER A 2 -26.51 -6.99 8.84
C SER A 2 -26.12 -5.67 9.48
N ALA A 3 -25.97 -5.68 10.81
CA ALA A 3 -25.67 -4.44 11.54
C ALA A 3 -24.28 -3.89 11.19
N TRP A 4 -23.24 -4.73 11.25
CA TRP A 4 -21.86 -4.23 11.35
C TRP A 4 -21.28 -3.59 10.09
N PRO A 5 -21.62 -4.01 8.88
CA PRO A 5 -20.93 -3.41 7.72
C PRO A 5 -21.16 -1.92 7.50
N GLU A 6 -21.79 -1.24 8.45
CA GLU A 6 -21.77 0.22 8.51
C GLU A 6 -20.71 0.75 9.44
N GLU A 7 -20.13 -0.12 10.28
CA GLU A 7 -19.28 0.33 11.38
C GLU A 7 -18.21 1.32 10.94
N LYS A 8 -17.90 1.37 9.65
CA LYS A 8 -16.79 2.17 9.17
C LYS A 8 -17.18 3.61 8.87
N ASN A 9 -18.40 3.88 8.44
CA ASN A 9 -18.78 5.26 8.16
C ASN A 9 -18.65 6.14 9.39
N TYR A 10 -18.58 5.55 10.57
CA TYR A 10 -18.63 6.26 11.82
C TYR A 10 -17.38 5.98 12.65
N HIS A 11 -16.44 5.27 12.08
CA HIS A 11 -15.25 4.89 12.81
C HIS A 11 -14.36 6.08 12.95
N GLN A 12 -13.81 6.28 14.13
CA GLN A 12 -12.95 7.43 14.36
C GLN A 12 -11.65 6.99 15.01
N PRO A 13 -10.61 7.78 14.87
CA PRO A 13 -9.30 7.38 15.34
C PRO A 13 -9.04 7.68 16.80
N ALA A 14 -8.12 6.90 17.36
CA ALA A 14 -7.53 7.17 18.67
C ALA A 14 -6.26 7.98 18.49
N ILE A 15 -6.44 9.30 18.37
CA ILE A 15 -5.31 10.19 18.17
C ILE A 15 -4.21 9.89 19.19
N LEU A 16 -2.99 9.80 18.71
CA LEU A 16 -1.85 9.56 19.56
C LEU A 16 -1.34 10.88 20.12
N ASN A 17 -0.56 10.79 21.18
CA ASN A 17 -0.12 11.98 21.87
C ASN A 17 1.36 11.95 22.10
N SER A 18 1.96 13.11 21.93
CA SER A 18 3.38 13.35 21.77
C SER A 18 4.30 12.28 22.32
N SER A 19 4.02 11.73 23.50
CA SER A 19 4.87 10.63 23.95
C SER A 19 4.76 9.46 23.00
N ALA A 20 3.55 9.21 22.48
CA ALA A 20 3.35 8.11 21.54
C ALA A 20 4.04 8.39 20.22
N LEU A 21 3.85 9.58 19.68
CA LEU A 21 4.51 9.92 18.43
C LEU A 21 6.01 9.71 18.55
N ARG A 22 6.64 10.29 19.56
CA ARG A 22 8.08 10.12 19.69
C ARG A 22 8.49 8.66 19.65
N GLN A 23 7.66 7.74 20.12
CA GLN A 23 8.16 6.37 20.09
C GLN A 23 7.97 5.76 18.72
N ILE A 24 6.84 6.03 18.04
CA ILE A 24 6.67 5.49 16.70
C ILE A 24 7.80 5.93 15.82
N ALA A 25 8.17 7.20 15.91
CA ALA A 25 9.31 7.74 15.18
C ALA A 25 10.61 7.08 15.57
N GLU A 26 10.79 6.81 16.86
CA GLU A 26 11.97 6.11 17.32
C GLU A 26 12.04 4.71 16.72
N GLY A 27 10.88 4.11 16.50
CA GLY A 27 10.79 2.70 16.16
C GLY A 27 10.84 2.32 14.71
N THR A 28 11.22 3.21 13.80
CA THR A 28 11.40 2.89 12.39
C THR A 28 12.82 3.20 11.99
N SER A 29 13.47 2.27 11.33
CA SER A 29 14.82 2.45 10.84
C SER A 29 14.83 2.52 9.34
N ILE A 30 14.85 3.73 8.80
CA ILE A 30 14.95 3.81 7.35
C ILE A 30 16.08 2.95 6.85
N SER A 31 17.17 2.86 7.61
CA SER A 31 18.34 2.12 7.15
C SER A 31 18.10 0.62 7.16
N GLU A 32 17.38 0.13 8.16
CA GLU A 32 17.03 -1.28 8.18
C GLU A 32 16.17 -1.63 6.99
N MET A 33 15.07 -0.90 6.80
CA MET A 33 14.22 -1.14 5.63
C MET A 33 15.05 -1.14 4.36
N TRP A 34 15.89 -0.14 4.21
CA TRP A 34 16.54 0.04 2.93
C TRP A 34 17.48 -1.11 2.59
N GLN A 35 17.97 -1.85 3.55
CA GLN A 35 18.88 -2.93 3.24
C GLN A 35 18.25 -4.28 3.41
N ASN A 36 17.30 -4.37 4.31
CA ASN A 36 16.64 -5.63 4.61
C ASN A 36 15.36 -5.85 3.83
N ASP A 37 14.62 -4.78 3.55
CA ASP A 37 13.31 -4.88 2.93
C ASP A 37 13.29 -4.45 1.47
N LEU A 38 14.00 -3.38 1.11
CA LEU A 38 13.89 -2.82 -0.23
C LEU A 38 14.96 -3.27 -1.21
N GLN A 39 16.22 -3.35 -0.79
CA GLN A 39 17.25 -3.65 -1.78
C GLN A 39 17.01 -5.00 -2.46
N PRO A 40 16.50 -6.01 -1.79
CA PRO A 40 16.17 -7.25 -2.48
C PRO A 40 15.06 -7.13 -3.51
N LEU A 41 14.31 -6.03 -3.54
CA LEU A 41 13.21 -5.93 -4.48
C LEU A 41 13.57 -5.13 -5.69
N LEU A 42 14.76 -4.54 -5.73
CA LEU A 42 15.18 -3.73 -6.85
C LEU A 42 15.77 -4.60 -7.97
N ILE A 43 14.90 -5.47 -8.47
CA ILE A 43 15.23 -6.41 -9.52
C ILE A 43 14.11 -6.34 -10.54
N GLU A 44 14.40 -6.79 -11.75
CA GLU A 44 13.37 -6.93 -12.77
C GLU A 44 12.38 -7.99 -12.30
N ARG A 45 11.10 -7.63 -12.23
CA ARG A 45 10.09 -8.52 -11.68
C ARG A 45 8.76 -8.38 -12.39
N TYR A 46 8.74 -8.55 -13.69
CA TYR A 46 7.49 -8.56 -14.41
C TYR A 46 6.84 -9.91 -14.20
N PRO A 47 5.56 -10.04 -14.54
CA PRO A 47 4.83 -11.26 -14.19
C PRO A 47 5.32 -12.47 -14.95
N GLY A 48 5.57 -13.54 -14.22
CA GLY A 48 6.15 -14.72 -14.80
C GLY A 48 7.66 -14.77 -14.81
N SER A 49 8.32 -13.63 -14.68
CA SER A 49 9.76 -13.65 -14.63
C SER A 49 10.25 -14.36 -13.39
N PRO A 50 11.50 -14.76 -13.38
CA PRO A 50 12.05 -15.31 -12.15
C PRO A 50 12.05 -14.31 -11.04
N GLY A 51 12.15 -13.03 -11.36
CA GLY A 51 12.12 -12.01 -10.32
C GLY A 51 10.77 -11.86 -9.64
N SER A 52 9.69 -12.18 -10.33
CA SER A 52 8.42 -12.26 -9.64
C SER A 52 8.47 -13.32 -8.56
N TYR A 53 9.08 -14.46 -8.84
CA TYR A 53 9.21 -15.49 -7.82
C TYR A 53 10.11 -15.02 -6.69
N ALA A 54 11.26 -14.46 -7.03
CA ALA A 54 12.14 -13.94 -6.01
C ALA A 54 11.41 -12.94 -5.12
N ALA A 55 10.68 -12.03 -5.73
CA ALA A 55 10.07 -10.97 -4.93
C ALA A 55 8.98 -11.53 -4.06
N ARG A 56 8.14 -12.38 -4.62
CA ARG A 56 7.12 -13.10 -3.87
C ARG A 56 7.73 -13.78 -2.66
N GLN A 57 8.79 -14.54 -2.88
CA GLN A 57 9.43 -15.24 -1.78
C GLN A 57 9.93 -14.26 -0.73
N HIS A 58 10.75 -13.31 -1.14
CA HIS A 58 11.26 -12.28 -0.24
C HIS A 58 10.17 -11.64 0.61
N ILE A 59 9.00 -11.39 0.03
CA ILE A 59 7.98 -10.69 0.80
C ILE A 59 7.48 -11.59 1.91
N MET A 60 7.20 -12.84 1.60
CA MET A 60 6.69 -13.75 2.62
C MET A 60 7.74 -14.03 3.66
N GLN A 61 8.95 -14.32 3.24
CA GLN A 61 10.02 -14.57 4.19
C GLN A 61 10.14 -13.44 5.20
N ARG A 62 10.12 -12.19 4.73
CA ARG A 62 10.27 -11.09 5.66
C ARG A 62 9.06 -10.88 6.53
N ILE A 63 7.89 -11.35 6.13
CA ILE A 63 6.74 -11.34 7.02
C ILE A 63 6.84 -12.46 8.04
N GLN A 64 7.05 -13.69 7.57
CA GLN A 64 7.09 -14.84 8.46
C GLN A 64 8.02 -14.63 9.63
N ARG A 65 9.08 -13.91 9.44
CA ARG A 65 9.97 -13.73 10.57
C ARG A 65 9.43 -12.88 11.58
N LEU A 66 8.19 -12.44 11.53
CA LEU A 66 7.65 -11.54 12.54
C LEU A 66 6.85 -12.36 13.52
N GLN A 67 6.42 -11.70 14.59
CA GLN A 67 5.71 -12.44 15.62
C GLN A 67 4.20 -12.47 15.41
N ALA A 68 3.61 -11.43 14.85
CA ALA A 68 2.15 -11.44 14.83
C ALA A 68 1.66 -12.57 13.95
N ASP A 69 0.40 -12.95 14.13
CA ASP A 69 -0.12 -14.13 13.43
C ASP A 69 -0.55 -13.73 12.03
N TRP A 70 0.46 -13.36 11.25
CA TRP A 70 0.22 -13.04 9.84
C TRP A 70 -0.09 -14.32 9.09
N VAL A 71 -1.23 -14.34 8.44
CA VAL A 71 -1.70 -15.46 7.66
C VAL A 71 -1.54 -15.13 6.18
N LEU A 72 -0.57 -15.75 5.55
CA LEU A 72 -0.23 -15.48 4.16
C LEU A 72 -1.02 -16.37 3.22
N GLU A 73 -1.36 -15.83 2.05
CA GLU A 73 -2.14 -16.53 1.05
C GLU A 73 -1.68 -16.04 -0.32
N ILE A 74 -1.01 -16.91 -1.07
CA ILE A 74 -0.64 -16.61 -2.45
C ILE A 74 -1.77 -17.03 -3.36
N ASP A 75 -2.23 -16.11 -4.19
CA ASP A 75 -3.44 -16.27 -4.95
C ASP A 75 -3.10 -16.28 -6.43
N THR A 76 -2.34 -17.32 -6.83
CA THR A 76 -1.96 -17.51 -8.22
C THR A 76 -3.17 -17.78 -9.10
N PHE A 77 -3.34 -16.97 -10.14
CA PHE A 77 -4.49 -17.05 -10.98
C PHE A 77 -4.03 -16.84 -12.41
N LEU A 78 -4.97 -16.83 -13.35
CA LEU A 78 -4.67 -16.65 -14.76
C LEU A 78 -5.64 -15.67 -15.33
N SER A 79 -5.20 -14.97 -16.38
CA SER A 79 -5.98 -13.90 -17.00
C SER A 79 -5.33 -13.57 -18.32
N GLN A 80 -6.08 -12.86 -19.15
CA GLN A 80 -5.75 -12.75 -20.55
C GLN A 80 -5.04 -11.44 -20.76
N THR A 81 -4.01 -11.47 -21.60
CA THR A 81 -3.20 -10.32 -21.90
C THR A 81 -2.88 -10.31 -23.37
N PRO A 82 -2.44 -9.20 -23.89
CA PRO A 82 -1.97 -9.19 -25.26
C PRO A 82 -1.32 -10.50 -25.65
N TYR A 83 -0.16 -10.78 -25.13
CA TYR A 83 0.56 -11.96 -25.56
C TYR A 83 -0.13 -13.33 -25.15
N GLY A 84 -1.38 -13.40 -24.74
CA GLY A 84 -2.02 -14.65 -24.39
C GLY A 84 -2.44 -14.67 -22.94
N TYR A 85 -2.86 -15.84 -22.50
CA TYR A 85 -3.14 -16.10 -21.10
C TYR A 85 -1.85 -16.22 -20.31
N ARG A 86 -1.81 -15.67 -19.09
CA ARG A 86 -0.60 -15.70 -18.29
C ARG A 86 -0.92 -15.88 -16.82
N SER A 87 0.10 -16.22 -16.06
CA SER A 87 -0.04 -16.59 -14.66
C SER A 87 0.38 -15.42 -13.78
N PHE A 88 -0.48 -15.00 -12.87
CA PHE A 88 -0.19 -13.93 -11.92
C PHE A 88 -0.30 -14.49 -10.51
N SER A 89 0.21 -13.76 -9.53
CA SER A 89 0.21 -14.26 -8.15
C SER A 89 0.18 -13.07 -7.19
N ASN A 90 -1.03 -12.62 -6.86
CA ASN A 90 -1.21 -11.69 -5.76
C ASN A 90 -0.72 -12.31 -4.47
N ILE A 91 -0.17 -11.48 -3.59
CA ILE A 91 0.28 -11.87 -2.25
C ILE A 91 -0.62 -11.18 -1.25
N ILE A 92 -1.19 -11.93 -0.31
CA ILE A 92 -2.10 -11.39 0.67
C ILE A 92 -1.67 -11.84 2.05
N SER A 93 -1.45 -10.88 2.94
CA SER A 93 -0.99 -11.13 4.29
C SER A 93 -2.02 -10.53 5.21
N THR A 94 -2.64 -11.34 6.06
CA THR A 94 -3.76 -10.89 6.86
C THR A 94 -3.56 -11.24 8.32
N LEU A 95 -4.03 -10.36 9.19
CA LEU A 95 -4.09 -10.59 10.62
C LEU A 95 -5.55 -10.71 11.02
N ASN A 96 -5.85 -11.71 11.86
CA ASN A 96 -7.20 -11.93 12.29
C ASN A 96 -8.12 -11.95 11.08
N PRO A 97 -8.02 -13.00 10.24
CA PRO A 97 -8.90 -13.09 9.07
C PRO A 97 -10.29 -13.46 9.43
N THR A 98 -10.45 -14.16 10.56
CA THR A 98 -11.76 -14.49 11.08
C THR A 98 -12.63 -13.25 11.21
N ALA A 99 -11.99 -12.11 11.49
CA ALA A 99 -12.65 -10.87 11.84
C ALA A 99 -13.38 -10.27 10.66
N LYS A 100 -14.27 -9.33 10.94
CA LYS A 100 -15.19 -8.89 9.92
C LYS A 100 -14.69 -7.68 9.19
N ARG A 101 -13.91 -6.84 9.86
CA ARG A 101 -13.53 -5.53 9.36
C ARG A 101 -12.03 -5.44 9.26
N HIS A 102 -11.54 -4.98 8.12
CA HIS A 102 -10.11 -4.84 7.96
C HIS A 102 -9.78 -3.48 7.34
N LEU A 103 -8.77 -2.83 7.92
CA LEU A 103 -8.09 -1.76 7.24
C LEU A 103 -7.05 -2.40 6.36
N VAL A 104 -7.01 -2.02 5.08
CA VAL A 104 -6.15 -2.64 4.09
C VAL A 104 -5.14 -1.63 3.59
N LEU A 105 -3.87 -2.01 3.60
CA LEU A 105 -2.82 -1.30 2.90
C LEU A 105 -2.42 -2.09 1.67
N ALA A 106 -1.99 -1.40 0.61
CA ALA A 106 -1.72 -2.13 -0.61
C ALA A 106 -0.77 -1.38 -1.52
N CYS A 107 -0.02 -2.12 -2.32
CA CYS A 107 0.71 -1.62 -3.47
C CYS A 107 0.80 -2.73 -4.50
N HIS A 108 1.56 -2.51 -5.56
CA HIS A 108 1.83 -3.57 -6.52
C HIS A 108 3.29 -3.96 -6.52
N TYR A 109 3.55 -5.25 -6.60
CA TYR A 109 4.93 -5.71 -6.57
C TYR A 109 5.43 -6.08 -7.94
N ASP A 110 4.61 -6.04 -8.96
CA ASP A 110 5.17 -6.29 -10.28
C ASP A 110 5.89 -5.03 -10.72
N SER A 111 6.81 -5.21 -11.66
CA SER A 111 7.47 -4.09 -12.30
C SER A 111 7.10 -4.08 -13.77
N LYS A 112 6.90 -2.90 -14.34
CA LYS A 112 6.58 -2.80 -15.75
C LYS A 112 7.61 -3.52 -16.58
N TYR A 113 7.18 -4.12 -17.68
CA TYR A 113 8.09 -4.79 -18.57
C TYR A 113 8.69 -3.83 -19.58
N PHE A 114 10.00 -3.89 -19.76
CA PHE A 114 10.74 -3.09 -20.70
C PHE A 114 11.82 -3.93 -21.32
N SER A 115 12.04 -3.73 -22.59
CA SER A 115 13.17 -4.35 -23.26
C SER A 115 14.45 -3.64 -22.85
N HIS A 116 15.44 -4.41 -22.42
CA HIS A 116 16.69 -3.83 -21.99
C HIS A 116 17.16 -2.79 -23.01
N TRP A 117 17.70 -1.70 -22.49
CA TRP A 117 18.18 -0.59 -23.28
C TRP A 117 19.54 -0.25 -22.73
N ASN A 118 20.49 0.04 -23.60
CA ASN A 118 21.83 0.40 -23.16
C ASN A 118 22.33 -0.52 -22.05
N ASN A 119 21.89 -1.77 -22.06
CA ASN A 119 22.25 -2.71 -21.01
C ASN A 119 21.73 -2.23 -19.66
N ARG A 120 20.60 -1.54 -19.66
CA ARG A 120 19.93 -1.09 -18.47
C ARG A 120 18.57 -1.75 -18.32
N VAL A 121 18.20 -2.07 -17.09
CA VAL A 121 16.96 -2.76 -16.77
C VAL A 121 16.04 -1.87 -15.95
N PHE A 122 14.74 -2.03 -16.13
CA PHE A 122 13.78 -1.29 -15.32
C PHE A 122 13.47 -2.07 -14.06
N VAL A 123 13.79 -1.48 -12.92
CA VAL A 123 13.55 -2.10 -11.62
C VAL A 123 12.49 -1.40 -10.82
N GLY A 124 12.03 -0.24 -11.24
CA GLY A 124 10.84 0.36 -10.70
C GLY A 124 10.96 0.59 -9.23
N ALA A 125 11.84 1.50 -8.85
CA ALA A 125 12.08 1.79 -7.44
C ALA A 125 10.94 2.54 -6.78
N THR A 126 10.41 3.59 -7.42
CA THR A 126 9.21 4.21 -6.88
C THR A 126 7.94 3.49 -7.28
N ASP A 127 7.98 2.78 -8.38
CA ASP A 127 6.85 2.18 -9.03
C ASP A 127 7.04 0.71 -9.20
N SER A 128 6.97 -0.06 -8.11
CA SER A 128 6.58 0.37 -6.78
C SER A 128 7.29 -0.42 -5.70
N ALA A 129 8.61 -0.54 -5.80
CA ALA A 129 9.34 -1.30 -4.81
C ALA A 129 9.36 -0.62 -3.45
N VAL A 130 9.48 0.69 -3.41
CA VAL A 130 9.50 1.43 -2.15
C VAL A 130 8.20 1.16 -1.41
N PRO A 131 7.04 1.41 -2.01
CA PRO A 131 5.81 1.07 -1.33
C PRO A 131 5.78 -0.35 -0.81
N CYS A 132 6.35 -1.31 -1.52
CA CYS A 132 6.43 -2.64 -0.94
C CYS A 132 7.19 -2.59 0.35
N ALA A 133 8.37 -2.01 0.34
CA ALA A 133 9.18 -1.96 1.53
C ALA A 133 8.49 -1.17 2.62
N MET A 134 7.86 -0.06 2.26
CA MET A 134 7.20 0.72 3.29
C MET A 134 6.19 -0.09 4.04
N MET A 135 5.55 -1.04 3.37
CA MET A 135 4.55 -1.86 4.03
C MET A 135 5.20 -2.96 4.84
N LEU A 136 6.36 -3.45 4.42
CA LEU A 136 7.08 -4.39 5.25
C LEU A 136 7.60 -3.72 6.51
N GLU A 137 8.28 -2.59 6.37
CA GLU A 137 8.76 -1.91 7.56
C GLU A 137 7.62 -1.62 8.51
N LEU A 138 6.45 -1.30 7.98
CA LEU A 138 5.33 -0.99 8.85
C LEU A 138 4.91 -2.22 9.63
N ALA A 139 5.00 -3.39 9.00
CA ALA A 139 4.67 -4.61 9.70
C ALA A 139 5.67 -4.92 10.78
N ARG A 140 6.89 -4.45 10.62
CA ARG A 140 7.95 -4.75 11.59
C ARG A 140 7.89 -3.76 12.76
N ALA A 141 8.16 -2.51 12.48
CA ALA A 141 8.09 -1.44 13.45
C ALA A 141 6.91 -1.59 14.39
N LEU A 142 5.81 -2.15 13.91
CA LEU A 142 4.61 -2.26 14.72
C LEU A 142 4.29 -3.69 15.07
N ASP A 143 5.25 -4.61 14.93
CA ASP A 143 4.98 -6.01 15.21
C ASP A 143 4.39 -6.17 16.60
N LYS A 144 5.13 -5.71 17.60
CA LYS A 144 4.66 -5.73 18.98
C LYS A 144 3.25 -5.16 19.11
N LYS A 145 3.08 -3.88 18.77
CA LYS A 145 1.77 -3.28 18.91
C LYS A 145 0.71 -4.10 18.18
N LEU A 146 1.11 -4.82 17.14
CA LEU A 146 0.15 -5.60 16.37
C LEU A 146 0.03 -7.01 16.89
N LEU A 147 0.73 -7.36 17.95
CA LEU A 147 0.46 -8.65 18.58
C LEU A 147 -0.87 -8.61 19.30
N SER A 148 -1.18 -7.48 19.90
CA SER A 148 -2.38 -7.23 20.67
C SER A 148 -3.69 -7.62 19.99
N LEU A 149 -3.65 -8.26 18.83
CA LEU A 149 -4.89 -8.57 18.13
C LEU A 149 -5.25 -10.04 18.16
N LYS A 150 -4.48 -10.85 18.88
CA LYS A 150 -4.88 -12.20 19.31
C LYS A 150 -4.05 -13.25 18.60
N PRO A 157 -14.35 -3.78 19.37
CA PRO A 157 -14.09 -3.37 17.98
C PRO A 157 -13.43 -4.49 17.18
N ASP A 158 -14.20 -5.17 16.33
CA ASP A 158 -13.68 -6.31 15.59
C ASP A 158 -13.12 -5.83 14.26
N LEU A 159 -11.86 -5.42 14.29
CA LEU A 159 -11.23 -4.79 13.14
C LEU A 159 -9.77 -5.12 13.15
N SER A 160 -9.18 -5.30 11.97
CA SER A 160 -7.77 -5.65 11.93
C SER A 160 -7.15 -5.15 10.63
N LEU A 161 -5.96 -5.65 10.31
CA LEU A 161 -5.12 -5.11 9.26
C LEU A 161 -4.81 -6.17 8.21
N GLN A 162 -4.84 -5.76 6.95
CA GLN A 162 -4.55 -6.65 5.84
C GLN A 162 -3.55 -5.94 4.94
N LEU A 163 -2.60 -6.69 4.38
CA LEU A 163 -1.69 -6.21 3.37
C LEU A 163 -1.98 -6.92 2.07
N ILE A 164 -2.06 -6.17 0.98
CA ILE A 164 -2.22 -6.75 -0.34
C ILE A 164 -1.09 -6.23 -1.19
N PHE A 165 -0.38 -7.12 -1.86
CA PHE A 165 0.64 -6.77 -2.84
C PHE A 165 0.20 -7.30 -4.20
N PHE A 166 -0.43 -6.48 -5.01
CA PHE A 166 -0.99 -6.95 -6.26
C PHE A 166 0.09 -7.30 -7.26
N ASP A 167 -0.19 -8.26 -8.09
CA ASP A 167 0.63 -8.58 -9.25
C ASP A 167 -0.06 -8.02 -10.47
N GLY A 168 0.72 -7.79 -11.51
CA GLY A 168 0.18 -7.34 -12.76
C GLY A 168 -0.52 -6.00 -12.70
N GLU A 169 0.02 -5.04 -11.96
CA GLU A 169 -0.57 -3.73 -12.06
C GLU A 169 -0.30 -3.15 -13.41
N GLU A 170 0.89 -3.32 -13.86
CA GLU A 170 1.31 -2.72 -15.08
C GLU A 170 0.90 -3.31 -16.34
N ALA A 171 0.87 -2.50 -17.37
CA ALA A 171 0.51 -3.00 -18.66
C ALA A 171 1.67 -3.72 -19.32
N PHE A 172 1.35 -4.72 -20.12
CA PHE A 172 2.42 -5.35 -20.88
C PHE A 172 2.79 -4.52 -22.08
N LEU A 173 1.82 -3.82 -22.67
CA LEU A 173 2.05 -3.10 -23.90
C LEU A 173 1.76 -1.62 -23.72
N HIS A 174 0.49 -1.26 -23.68
CA HIS A 174 0.11 0.13 -23.61
C HIS A 174 -1.11 0.26 -22.72
N TRP A 175 -1.09 1.30 -21.90
CA TRP A 175 -2.07 1.42 -20.84
C TRP A 175 -3.47 1.39 -21.43
N SER A 176 -4.30 0.49 -20.93
CA SER A 176 -5.68 0.41 -21.37
C SER A 176 -6.47 -0.36 -20.35
N PRO A 177 -7.79 -0.28 -20.37
CA PRO A 177 -8.58 -0.96 -19.35
C PRO A 177 -8.49 -2.45 -19.49
N GLN A 178 -8.08 -2.92 -20.65
CA GLN A 178 -7.99 -4.33 -20.95
C GLN A 178 -6.60 -4.87 -20.69
N ASP A 179 -5.59 -4.00 -20.69
CA ASP A 179 -4.19 -4.31 -20.39
C ASP A 179 -3.76 -3.51 -19.15
N SER A 180 -4.12 -3.99 -17.96
CA SER A 180 -3.84 -3.28 -16.73
C SER A 180 -4.59 -3.88 -15.56
N LEU A 181 -4.04 -3.80 -14.38
CA LEU A 181 -4.79 -4.12 -13.18
C LEU A 181 -5.18 -5.58 -13.16
N TYR A 182 -4.35 -6.43 -13.74
CA TYR A 182 -4.66 -7.84 -13.76
C TYR A 182 -4.90 -8.40 -12.37
N GLY A 183 -4.09 -8.02 -11.41
CA GLY A 183 -4.21 -8.66 -10.11
C GLY A 183 -5.23 -8.02 -9.24
N SER A 184 -5.65 -6.81 -9.57
CA SER A 184 -6.64 -6.12 -8.79
C SER A 184 -8.03 -6.44 -9.29
N ARG A 185 -8.24 -6.29 -10.60
CA ARG A 185 -9.50 -6.67 -11.20
C ARG A 185 -9.92 -8.08 -10.80
N HIS A 186 -8.97 -8.93 -10.50
CA HIS A 186 -9.28 -10.31 -10.16
C HIS A 186 -9.58 -10.48 -8.69
N LEU A 187 -8.87 -9.80 -7.81
CA LEU A 187 -9.16 -9.93 -6.41
C LEU A 187 -10.38 -9.13 -6.02
N ALA A 188 -10.67 -8.04 -6.70
CA ALA A 188 -11.91 -7.34 -6.41
C ALA A 188 -13.07 -8.29 -6.55
N ALA A 189 -13.10 -8.99 -7.69
CA ALA A 189 -14.24 -9.83 -8.03
C ALA A 189 -14.35 -10.99 -7.07
N LYS A 190 -13.26 -11.69 -6.85
CA LYS A 190 -13.25 -12.82 -5.94
C LYS A 190 -13.74 -12.42 -4.56
N MET A 191 -13.22 -11.32 -4.05
CA MET A 191 -13.67 -10.77 -2.78
C MET A 191 -15.16 -10.44 -2.84
N ALA A 192 -15.56 -9.69 -3.86
CA ALA A 192 -16.96 -9.30 -3.94
C ALA A 192 -17.89 -10.50 -3.84
N SER A 193 -17.40 -11.70 -4.10
CA SER A 193 -18.25 -12.87 -4.18
C SER A 193 -17.96 -13.86 -3.10
N THR A 194 -17.31 -13.45 -2.04
CA THR A 194 -17.01 -14.38 -0.98
C THR A 194 -17.81 -14.06 0.28
N PRO A 195 -18.56 -15.00 0.84
CA PRO A 195 -19.30 -14.68 2.04
C PRO A 195 -18.33 -14.18 3.11
N HIS A 196 -18.68 -13.08 3.75
CA HIS A 196 -17.92 -12.60 4.91
C HIS A 196 -18.89 -11.99 5.89
N PRO A 197 -18.87 -12.44 7.14
CA PRO A 197 -18.07 -13.57 7.61
C PRO A 197 -18.58 -14.87 7.03
N PRO A 198 -17.78 -15.91 7.18
CA PRO A 198 -18.13 -17.20 6.60
C PRO A 198 -19.49 -17.65 7.08
N GLY A 199 -20.43 -17.77 6.15
CA GLY A 199 -21.78 -18.14 6.48
C GLY A 199 -22.74 -17.00 6.30
N ALA A 200 -22.24 -15.82 6.03
CA ALA A 200 -23.14 -14.72 5.82
C ALA A 200 -23.96 -15.03 4.61
N ARG A 201 -24.88 -14.16 4.29
CA ARG A 201 -25.65 -14.35 3.08
C ARG A 201 -25.97 -13.03 2.41
N GLY A 202 -25.22 -11.99 2.71
CA GLY A 202 -25.40 -10.74 2.04
C GLY A 202 -24.16 -9.88 2.09
N THR A 203 -23.26 -10.16 3.04
CA THR A 203 -22.05 -9.37 3.25
C THR A 203 -20.91 -10.05 2.52
N SER A 204 -20.41 -9.40 1.47
CA SER A 204 -19.24 -9.90 0.75
C SER A 204 -18.00 -9.62 1.57
N GLN A 205 -16.83 -9.74 0.95
CA GLN A 205 -15.58 -9.47 1.65
C GLN A 205 -15.13 -8.04 1.48
N LEU A 206 -15.75 -7.31 0.56
CA LEU A 206 -15.56 -5.87 0.49
C LEU A 206 -16.18 -5.19 1.68
N HIS A 207 -17.34 -5.65 2.08
CA HIS A 207 -17.99 -5.05 3.21
C HIS A 207 -17.11 -5.04 4.45
N GLY A 208 -16.10 -5.89 4.52
CA GLY A 208 -15.10 -5.84 5.56
C GLY A 208 -13.91 -4.98 5.22
N MET A 209 -13.87 -4.46 4.00
CA MET A 209 -12.79 -3.57 3.57
C MET A 209 -13.14 -2.16 3.99
N ASP A 210 -12.63 -1.80 5.15
CA ASP A 210 -13.03 -0.54 5.77
C ASP A 210 -12.54 0.62 4.94
N LEU A 211 -11.29 0.59 4.54
CA LEU A 211 -10.69 1.63 3.73
C LEU A 211 -9.51 0.99 3.02
N LEU A 212 -9.31 1.35 1.77
CA LEU A 212 -8.17 0.86 1.01
C LEU A 212 -7.16 1.97 0.89
N VAL A 213 -6.05 1.86 1.63
CA VAL A 213 -4.95 2.81 1.50
C VAL A 213 -3.98 2.25 0.48
N LEU A 214 -4.00 2.76 -0.72
CA LEU A 214 -3.16 2.26 -1.78
C LEU A 214 -1.96 3.16 -1.99
N LEU A 215 -0.74 2.60 -1.90
CA LEU A 215 0.50 3.34 -2.07
C LEU A 215 1.10 3.11 -3.45
N ASP A 216 1.59 4.16 -4.10
CA ASP A 216 2.13 3.97 -5.44
C ASP A 216 2.97 5.18 -5.87
N LEU A 217 4.13 4.91 -6.45
CA LEU A 217 5.03 5.93 -6.99
C LEU A 217 5.58 6.81 -5.89
N ILE A 218 6.12 6.18 -4.87
CA ILE A 218 6.63 6.87 -3.68
C ILE A 218 8.12 6.61 -3.56
N GLY A 219 8.86 7.66 -3.32
CA GLY A 219 10.28 7.51 -3.12
C GLY A 219 11.04 8.65 -3.69
N ALA A 220 10.37 9.52 -4.40
CA ALA A 220 11.02 10.69 -4.95
C ALA A 220 10.93 11.83 -3.97
N PRO A 221 11.70 12.87 -4.17
CA PRO A 221 11.62 14.01 -3.28
C PRO A 221 10.51 14.97 -3.62
N ASN A 222 10.04 15.62 -2.63
CA ASN A 222 9.08 16.69 -2.78
C ASN A 222 7.80 16.21 -3.44
N PRO A 223 7.22 15.12 -2.96
CA PRO A 223 5.92 14.71 -3.44
C PRO A 223 4.84 15.65 -2.96
N THR A 224 3.75 15.64 -3.70
CA THR A 224 2.51 16.31 -3.33
C THR A 224 1.40 15.31 -3.56
N PHE A 225 0.63 15.03 -2.54
CA PHE A 225 -0.42 14.04 -2.62
C PHE A 225 -1.77 14.73 -2.62
N PRO A 226 -2.57 14.65 -3.66
CA PRO A 226 -3.87 15.32 -3.65
C PRO A 226 -4.88 14.53 -2.85
N ASN A 227 -5.99 15.18 -2.58
CA ASN A 227 -7.10 14.57 -1.88
C ASN A 227 -8.17 14.19 -2.89
N PHE A 228 -8.30 12.90 -3.13
CA PHE A 228 -8.91 12.44 -4.35
C PHE A 228 -10.41 12.22 -4.20
N PHE A 229 -10.85 11.63 -3.12
CA PHE A 229 -12.26 11.28 -2.99
C PHE A 229 -12.83 11.79 -1.68
N PRO A 230 -14.02 12.37 -1.72
CA PRO A 230 -14.67 12.76 -0.47
C PRO A 230 -15.08 11.62 0.43
N ASN A 231 -15.37 10.43 -0.09
CA ASN A 231 -15.74 9.35 0.82
C ASN A 231 -14.62 9.02 1.79
N SER A 232 -13.43 9.61 1.62
CA SER A 232 -12.29 9.34 2.48
C SER A 232 -11.52 10.59 2.86
N ALA A 233 -12.05 11.78 2.61
CA ALA A 233 -11.27 12.99 2.82
C ALA A 233 -11.03 13.27 4.30
N ARG A 234 -11.88 12.81 5.18
CA ARG A 234 -11.59 12.96 6.60
C ARG A 234 -10.35 12.20 6.97
N TRP A 235 -10.10 11.10 6.30
CA TRP A 235 -8.91 10.36 6.60
C TRP A 235 -7.69 11.00 5.97
N PHE A 236 -7.88 11.74 4.90
CA PHE A 236 -6.77 12.48 4.34
C PHE A 236 -6.37 13.57 5.27
N GLU A 237 -7.32 14.15 6.00
CA GLU A 237 -6.99 15.26 6.86
C GLU A 237 -6.19 14.76 8.06
N ARG A 238 -6.52 13.60 8.56
CA ARG A 238 -5.64 13.00 9.54
C ARG A 238 -4.20 12.95 9.04
N LEU A 239 -3.99 12.61 7.79
CA LEU A 239 -2.62 12.56 7.31
C LEU A 239 -1.98 13.94 7.39
N GLN A 240 -2.67 14.97 6.95
CA GLN A 240 -2.16 16.32 7.09
C GLN A 240 -1.83 16.61 8.54
N ALA A 241 -2.79 16.44 9.42
CA ALA A 241 -2.54 16.67 10.83
C ALA A 241 -1.36 15.86 11.33
N ILE A 242 -1.34 14.58 11.05
CA ILE A 242 -0.25 13.76 11.53
C ILE A 242 1.05 14.28 10.97
N GLU A 243 1.03 14.85 9.79
CA GLU A 243 2.29 15.33 9.23
C GLU A 243 2.69 16.62 9.91
N HIS A 244 1.71 17.44 10.26
CA HIS A 244 1.98 18.69 10.93
C HIS A 244 2.57 18.44 12.31
N GLU A 245 1.85 17.70 13.15
CA GLU A 245 2.35 17.48 14.50
C GLU A 245 3.70 16.82 14.48
N LEU A 246 3.89 15.84 13.60
CA LEU A 246 5.21 15.23 13.52
C LEU A 246 6.25 16.26 13.10
N HIS A 247 5.84 17.34 12.46
CA HIS A 247 6.81 18.33 12.05
C HIS A 247 7.19 19.23 13.21
N GLU A 248 6.21 19.75 13.92
CA GLU A 248 6.42 20.64 15.04
C GLU A 248 7.00 19.93 16.25
N LEU A 249 7.19 18.64 16.21
CA LEU A 249 7.93 17.94 17.24
C LEU A 249 9.37 17.65 16.86
N GLY A 250 9.82 18.07 15.69
CA GLY A 250 11.18 17.77 15.33
C GLY A 250 11.41 16.32 15.02
N LEU A 251 10.37 15.63 14.60
CA LEU A 251 10.45 14.20 14.35
C LEU A 251 10.59 13.86 12.86
N LEU A 252 10.75 14.87 12.02
CA LEU A 252 10.86 14.70 10.60
C LEU A 252 12.21 15.24 10.16
N LYS A 253 12.66 14.82 8.98
CA LYS A 253 13.98 15.20 8.49
C LYS A 253 13.87 15.95 7.18
N ASP A 254 14.55 17.06 7.08
CA ASP A 254 14.62 17.78 5.82
C ASP A 254 13.23 18.09 5.34
N HIS A 255 12.34 18.37 6.29
CA HIS A 255 10.93 18.61 6.03
C HIS A 255 10.58 20.07 6.28
N SER A 256 9.71 20.60 5.43
CA SER A 256 9.27 21.98 5.53
C SER A 256 7.76 22.08 5.39
N LEU A 257 7.13 22.86 6.24
CA LEU A 257 5.71 23.06 6.10
C LEU A 257 5.38 23.79 4.81
N GLU A 258 6.32 24.51 4.25
CA GLU A 258 6.05 25.12 2.96
C GLU A 258 6.18 24.12 1.85
N GLY A 259 6.58 22.90 2.20
CA GLY A 259 6.68 21.79 1.29
C GLY A 259 5.99 20.57 1.83
N ARG A 260 4.86 20.73 2.49
CA ARG A 260 4.19 19.60 3.11
C ARG A 260 3.93 18.59 2.01
N TYR A 261 3.68 17.36 2.38
CA TYR A 261 3.30 16.37 1.41
C TYR A 261 1.82 16.29 1.17
N PHE A 262 0.99 16.69 2.13
CA PHE A 262 -0.45 16.51 2.04
C PHE A 262 -1.10 17.87 2.03
N GLN A 263 -1.22 18.47 0.85
CA GLN A 263 -1.83 19.79 0.68
C GLN A 263 -3.30 19.64 0.38
N ASN A 264 -4.12 20.53 0.95
CA ASN A 264 -5.55 20.42 0.68
C ASN A 264 -5.80 20.96 -0.72
N TYR A 265 -5.27 20.26 -1.71
CA TYR A 265 -5.49 20.54 -3.12
C TYR A 265 -6.32 19.36 -3.63
N SER A 266 -7.53 19.66 -4.11
CA SER A 266 -8.44 18.63 -4.59
C SER A 266 -8.15 18.28 -6.05
N TYR A 267 -8.55 17.07 -6.44
CA TYR A 267 -8.23 16.55 -7.77
C TYR A 267 -9.51 16.07 -8.41
N GLY A 268 -10.00 16.86 -9.36
CA GLY A 268 -11.25 16.54 -10.02
C GLY A 268 -11.15 15.29 -10.88
N GLY A 269 -10.11 15.21 -11.70
CA GLY A 269 -9.96 14.12 -12.64
C GLY A 269 -9.63 12.79 -11.98
N VAL A 270 -9.26 11.83 -12.84
CA VAL A 270 -9.12 10.45 -12.40
C VAL A 270 -7.75 9.92 -12.76
N ILE A 271 -7.34 8.89 -12.04
CA ILE A 271 -6.11 8.17 -12.25
C ILE A 271 -6.46 6.70 -12.16
N GLN A 272 -6.01 5.92 -13.14
CA GLN A 272 -6.28 4.49 -13.15
C GLN A 272 -5.23 3.76 -12.33
N ASP A 273 -5.65 2.78 -11.55
CA ASP A 273 -4.75 2.14 -10.60
C ASP A 273 -5.55 1.08 -9.85
N ASP A 274 -4.85 0.26 -9.07
CA ASP A 274 -5.45 -0.91 -8.45
C ASP A 274 -6.63 -0.61 -7.54
N HIS A 275 -7.01 0.63 -7.40
CA HIS A 275 -8.14 0.95 -6.55
C HIS A 275 -9.45 0.92 -7.31
N ILE A 276 -9.41 1.07 -8.64
CA ILE A 276 -10.65 1.17 -9.41
C ILE A 276 -11.54 -0.06 -9.22
N PRO A 277 -11.05 -1.24 -9.47
CA PRO A 277 -11.83 -2.42 -9.16
C PRO A 277 -12.51 -2.41 -7.81
N PHE A 278 -11.92 -1.75 -6.84
CA PHE A 278 -12.52 -1.70 -5.52
C PHE A 278 -13.32 -0.44 -5.30
N LEU A 279 -13.04 0.60 -6.08
CA LEU A 279 -13.78 1.84 -6.01
C LEU A 279 -15.15 1.61 -6.60
N ARG A 280 -15.21 1.40 -7.91
CA ARG A 280 -16.47 1.23 -8.62
C ARG A 280 -17.45 0.34 -7.88
N ARG A 281 -16.98 -0.56 -7.03
CA ARG A 281 -17.81 -1.35 -6.12
C ARG A 281 -17.98 -0.67 -4.77
N GLY A 282 -17.78 0.64 -4.70
CA GLY A 282 -17.95 1.40 -3.47
C GLY A 282 -17.13 0.90 -2.30
N VAL A 283 -15.82 0.84 -2.44
CA VAL A 283 -14.91 0.66 -1.31
C VAL A 283 -14.25 2.02 -1.08
N PRO A 284 -14.17 2.49 0.16
CA PRO A 284 -13.54 3.79 0.39
C PRO A 284 -12.04 3.73 0.23
N VAL A 285 -11.50 4.74 -0.44
CA VAL A 285 -10.13 4.69 -0.91
C VAL A 285 -9.37 5.94 -0.50
N LEU A 286 -8.17 5.74 -0.01
CA LEU A 286 -7.16 6.75 0.18
C LEU A 286 -6.07 6.45 -0.82
N HIS A 287 -5.88 7.29 -1.78
CA HIS A 287 -5.02 6.94 -2.90
C HIS A 287 -3.73 7.72 -2.74
N LEU A 288 -2.75 7.11 -2.15
CA LEU A 288 -1.48 7.78 -1.89
C LEU A 288 -0.56 7.55 -3.08
N ILE A 289 -0.87 8.26 -4.14
CA ILE A 289 -0.04 8.38 -5.33
C ILE A 289 0.14 9.87 -5.52
N PRO A 290 1.30 10.35 -5.90
CA PRO A 290 1.50 11.79 -6.03
C PRO A 290 1.07 12.36 -7.37
N SER A 291 0.75 13.62 -7.36
CA SER A 291 0.45 14.32 -8.57
C SER A 291 1.14 15.64 -8.54
N PRO A 292 2.16 15.82 -9.35
CA PRO A 292 2.68 15.04 -10.44
C PRO A 292 3.48 13.83 -10.03
N PHE A 293 3.59 12.91 -10.98
CA PHE A 293 4.35 11.70 -10.80
C PHE A 293 5.83 12.02 -10.73
N PRO A 294 6.63 11.12 -10.21
CA PRO A 294 8.04 11.39 -10.12
C PRO A 294 8.60 11.75 -11.47
N GLU A 295 9.67 12.51 -11.47
CA GLU A 295 10.24 12.89 -12.74
C GLU A 295 10.73 11.67 -13.49
N VAL A 296 11.11 10.61 -12.78
CA VAL A 296 11.76 9.47 -13.41
C VAL A 296 10.75 8.44 -13.86
N TRP A 297 9.47 8.77 -13.75
CA TRP A 297 8.41 7.83 -14.00
C TRP A 297 8.62 7.10 -15.30
N HIS A 298 8.60 5.80 -15.24
CA HIS A 298 8.70 4.95 -16.39
C HIS A 298 9.87 5.18 -17.30
N THR A 299 10.98 5.46 -16.69
CA THR A 299 12.27 5.53 -17.36
C THR A 299 13.25 4.70 -16.58
N MET A 300 14.40 4.42 -17.17
CA MET A 300 15.37 3.59 -16.47
C MET A 300 16.00 4.33 -15.32
N ASP A 301 15.69 5.60 -15.18
CA ASP A 301 16.24 6.44 -14.14
C ASP A 301 15.48 6.31 -12.83
N ASP A 302 14.45 5.48 -12.80
CA ASP A 302 13.72 5.21 -11.56
C ASP A 302 14.42 4.10 -10.81
N ASN A 303 15.54 4.45 -10.21
CA ASN A 303 16.37 3.48 -9.51
C ASN A 303 16.53 3.89 -8.07
N GLU A 304 17.44 3.20 -7.39
CA GLU A 304 17.76 3.49 -6.00
C GLU A 304 18.56 4.79 -5.86
N GLU A 305 19.41 5.13 -6.81
CA GLU A 305 20.20 6.32 -6.61
C GLU A 305 19.31 7.55 -6.51
N ASN A 306 18.22 7.57 -7.23
CA ASN A 306 17.32 8.72 -7.23
C ASN A 306 16.23 8.64 -6.18
N LEU A 307 16.32 7.76 -5.21
CA LEU A 307 15.39 7.82 -4.09
C LEU A 307 15.90 8.82 -3.07
N ASP A 308 14.97 9.42 -2.32
CA ASP A 308 15.33 10.33 -1.24
C ASP A 308 15.02 9.66 0.09
N GLU A 309 16.06 9.22 0.77
CA GLU A 309 15.91 8.60 2.08
C GLU A 309 15.00 9.41 2.99
N SER A 310 15.22 10.71 3.06
CA SER A 310 14.55 11.48 4.09
C SER A 310 13.05 11.39 3.94
N THR A 311 12.55 11.47 2.71
CA THR A 311 11.11 11.56 2.61
C THR A 311 10.46 10.19 2.65
N ILE A 312 11.15 9.14 2.28
CA ILE A 312 10.60 7.84 2.57
C ILE A 312 10.49 7.64 4.06
N ASP A 313 11.50 8.11 4.80
CA ASP A 313 11.46 8.03 6.26
C ASP A 313 10.32 8.85 6.81
N ASN A 314 10.09 10.04 6.29
CA ASN A 314 9.03 10.85 6.88
C ASN A 314 7.69 10.21 6.62
N LEU A 315 7.52 9.61 5.46
CA LEU A 315 6.22 9.02 5.14
C LEU A 315 6.02 7.75 5.89
N ASN A 316 7.05 6.93 5.99
CA ASN A 316 6.98 5.78 6.86
C ASN A 316 6.45 6.17 8.21
N LYS A 317 7.06 7.15 8.86
CA LYS A 317 6.63 7.55 10.19
C LYS A 317 5.16 7.96 10.19
N ILE A 318 4.73 8.76 9.22
CA ILE A 318 3.35 9.22 9.15
C ILE A 318 2.38 8.07 8.99
N LEU A 319 2.69 7.14 8.12
CA LEU A 319 1.73 6.09 7.80
C LEU A 319 1.55 5.18 8.99
N GLN A 320 2.66 4.80 9.64
CA GLN A 320 2.59 3.98 10.83
C GLN A 320 1.71 4.61 11.91
N VAL A 321 1.83 5.91 12.14
CA VAL A 321 0.92 6.57 13.05
C VAL A 321 -0.50 6.41 12.57
N PHE A 322 -0.75 6.72 11.32
CA PHE A 322 -2.09 6.62 10.78
C PHE A 322 -2.72 5.26 11.04
N VAL A 323 -1.90 4.22 11.01
CA VAL A 323 -2.43 2.88 11.16
C VAL A 323 -2.75 2.58 12.61
N LEU A 324 -1.78 2.77 13.50
CA LEU A 324 -2.07 2.69 14.93
C LEU A 324 -3.26 3.56 15.30
N GLU A 325 -3.35 4.74 14.71
CA GLU A 325 -4.49 5.57 14.99
C GLU A 325 -5.79 4.98 14.45
N TYR A 326 -5.76 4.33 13.28
CA TYR A 326 -7.00 3.73 12.76
C TYR A 326 -7.40 2.50 13.54
N LEU A 327 -6.43 1.69 13.95
CA LEU A 327 -6.69 0.48 14.72
C LEU A 327 -6.81 0.70 16.22
N HIS A 328 -6.65 1.90 16.73
CA HIS A 328 -6.63 2.12 18.17
C HIS A 328 -5.55 1.27 18.85
N LEU A 329 -4.29 1.62 18.58
CA LEU A 329 -3.16 0.94 19.21
C LEU A 329 -2.07 1.88 19.70
ZN ZN B . 4.37 2.25 -13.48
C11 A1D94 C . -0.54 5.85 -17.27
C16 A1D94 C . -0.72 6.85 -18.16
N17 A1D94 C . -1.43 8.06 -17.87
O01 A1D94 C . -1.76 6.71 -15.56
C02 A1D94 C . -1.06 5.84 -15.89
N03 A1D94 C . -0.74 4.77 -15.02
C04 A1D94 C . -1.31 4.77 -13.70
C05 A1D94 C . -0.33 5.14 -12.60
C06 A1D94 C . 0.82 4.18 -12.39
C07 A1D94 C . 1.77 3.82 -13.27
N08 A1D94 C . 2.63 3.00 -12.70
C09 A1D94 C . 2.13 2.84 -11.49
N10 A1D94 C . 1.07 3.56 -11.32
N12 A1D94 C . 0.14 4.92 -17.84
O13 A1D94 C . 0.51 3.76 -17.22
O14 A1D94 C . 0.42 5.30 -19.08
N15 A1D94 C . -0.13 6.51 -19.27
S DMS D . 6.93 -10.86 -22.23
O DMS D . 6.45 -9.72 -21.41
C1 DMS D . 7.86 -10.18 -23.63
C2 DMS D . 8.22 -11.77 -21.33
S DMS E . 12.52 19.21 10.98
O DMS E . 12.43 20.65 11.38
C1 DMS E . 14.10 18.52 11.54
C2 DMS E . 11.34 18.24 11.95
C1 GOL F . -17.05 8.56 5.68
O1 GOL F . -16.36 9.54 4.95
C2 GOL F . -18.48 9.06 5.68
O2 GOL F . -18.43 10.28 4.98
C3 GOL F . -19.37 7.98 5.01
O3 GOL F . -20.67 7.75 5.59
C1 GOL G . 21.40 3.81 4.19
O1 GOL G . 20.08 3.94 4.65
C2 GOL G . 21.68 4.66 2.94
O2 GOL G . 21.90 3.85 1.83
C3 GOL G . 20.59 5.65 2.56
O3 GOL G . 20.69 5.91 1.17
C1 GOL H . 19.74 11.88 -4.69
O1 GOL H . 20.77 12.24 -3.79
C2 GOL H . 18.36 12.12 -4.07
O2 GOL H . 18.49 12.59 -2.73
C3 GOL H . 17.54 13.08 -4.96
O3 GOL H . 17.09 14.24 -4.27
C1 GOL I . -8.74 -18.29 -9.24
O1 GOL I . -10.06 -17.82 -9.38
C2 GOL I . -8.39 -18.16 -7.78
O2 GOL I . -9.42 -18.80 -7.06
C3 GOL I . -7.03 -18.75 -7.45
O3 GOL I . -6.71 -18.40 -6.11
C1 DMF J . 11.53 15.83 0.13
C2 DMF J . 13.86 16.25 1.26
C DMF J . 11.68 16.27 2.43
O DMF J . 10.54 16.73 2.34
N DMF J . 12.37 16.13 1.30
#